data_5O0T
#
_entry.id   5O0T
#
_cell.length_a   52.371
_cell.length_b   74.570
_cell.length_c   85.120
_cell.angle_alpha   90.00
_cell.angle_beta   90.00
_cell.angle_gamma   90.00
#
_symmetry.space_group_name_H-M   'P 21 21 21'
#
loop_
_entity.id
_entity.type
_entity.pdbx_description
1 polymer 'Putative ferric reductase'
2 non-polymer 'SULFATE ION'
3 non-polymer 'PROTOPORPHYRIN IX CONTAINING FE'
4 non-polymer EICOSANE
5 non-polymer DECANE
6 non-polymer GLYCEROL
7 non-polymer DI(HYDROXYETHYL)ETHER
8 water water
#
_entity_poly.entity_id   1
_entity_poly.type   'polypeptide(L)'
_entity_poly.pdbx_seq_one_letter_code
;GSAYIKYYIENNWVKIAFLALYVFVNMFFFMSAVEKYESQGANLYVQIARGCGATLNLNGALILIPMLRHFMTWLRKTTI
NNYIPIDESIEFHKLVGQVMFALAIVHTGAHFLNYTTLPIPFAQSLFGTKAGISGFLLLLVFIIMWVTAQAPIRKGGKFA
LFYIAHMGYVLWFALALIHGPVFWQWVLLPVVGFIIELVIRWKAAE
;
_entity_poly.pdbx_strand_id   A
#
# COMPACT_ATOMS: atom_id res chain seq x y z
N GLY A 1 -14.22 5.18 27.70
CA GLY A 1 -15.41 5.94 27.22
C GLY A 1 -15.08 7.34 26.72
N SER A 2 -16.03 8.24 26.88
CA SER A 2 -15.93 9.61 26.39
C SER A 2 -14.70 10.40 26.93
N ALA A 3 -14.42 10.29 28.22
CA ALA A 3 -13.35 11.03 28.86
C ALA A 3 -12.00 10.55 28.38
N TYR A 4 -11.88 9.25 28.25
CA TYR A 4 -10.66 8.65 27.75
C TYR A 4 -10.35 9.11 26.30
N ILE A 5 -11.40 9.23 25.51
CA ILE A 5 -11.29 9.61 24.11
C ILE A 5 -10.82 11.06 24.02
N LYS A 6 -11.40 11.94 24.81
CA LYS A 6 -10.96 13.33 24.79
C LYS A 6 -9.48 13.43 25.18
N TYR A 7 -9.09 12.66 26.20
CA TYR A 7 -7.72 12.65 26.68
C TYR A 7 -6.78 12.16 25.57
N TYR A 8 -7.16 11.04 24.97
CA TYR A 8 -6.43 10.45 23.86
C TYR A 8 -6.22 11.44 22.72
N ILE A 9 -7.29 12.06 22.28
CA ILE A 9 -7.18 13.03 21.19
C ILE A 9 -6.21 14.15 21.55
N GLU A 10 -6.30 14.65 22.77
CA GLU A 10 -5.49 15.79 23.19
C GLU A 10 -4.04 15.39 23.25
N ASN A 11 -3.77 14.17 23.68
CA ASN A 11 -2.41 13.67 23.76
C ASN A 11 -1.81 13.12 22.43
N ASN A 12 -2.63 12.84 21.44
CA ASN A 12 -2.13 12.25 20.22
C ASN A 12 -2.60 13.07 19.04
N TRP A 13 -2.82 14.39 19.24
CA TRP A 13 -3.38 15.20 18.16
C TRP A 13 -2.53 15.19 16.85
N VAL A 14 -1.21 15.13 16.99
CA VAL A 14 -0.29 15.13 15.84
C VAL A 14 -0.41 13.81 15.05
N LYS A 15 -0.37 12.70 15.76
CA LYS A 15 -0.70 11.41 15.20
C LYS A 15 -2.07 11.34 14.46
N ILE A 16 -3.09 11.92 15.07
CA ILE A 16 -4.41 11.98 14.47
C ILE A 16 -4.36 12.87 13.23
N ALA A 17 -3.65 14.00 13.29
CA ALA A 17 -3.56 14.86 12.13
C ALA A 17 -2.83 14.13 10.97
N PHE A 18 -1.78 13.40 11.32
CA PHE A 18 -1.02 12.61 10.37
C PHE A 18 -1.97 11.60 9.66
N LEU A 19 -2.81 10.93 10.44
CA LEU A 19 -3.71 9.94 9.87
C LEU A 19 -4.81 10.59 9.08
N ALA A 20 -5.28 11.74 9.53
CA ALA A 20 -6.32 12.45 8.82
C ALA A 20 -5.73 12.90 7.47
N LEU A 21 -4.49 13.39 7.45
CA LEU A 21 -3.79 13.70 6.20
C LEU A 21 -3.65 12.47 5.26
N TYR A 22 -3.29 11.33 5.87
CA TYR A 22 -3.23 10.10 5.12
C TYR A 22 -4.56 9.74 4.46
N VAL A 23 -5.65 9.81 5.20
CA VAL A 23 -7.01 9.64 4.67
C VAL A 23 -7.34 10.67 3.58
N PHE A 24 -7.07 11.93 3.83
CA PHE A 24 -7.37 12.97 2.85
C PHE A 24 -6.64 12.74 1.54
N VAL A 25 -5.37 12.33 1.59
CA VAL A 25 -4.56 12.16 0.41
C VAL A 25 -5.05 10.94 -0.39
N ASN A 26 -5.42 9.86 0.30
CA ASN A 26 -6.04 8.74 -0.39
C ASN A 26 -7.32 9.17 -1.17
N MET A 27 -8.20 9.93 -0.49
CA MET A 27 -9.49 10.43 -1.06
C MET A 27 -9.23 11.31 -2.26
N PHE A 28 -8.24 12.19 -2.14
CA PHE A 28 -7.85 13.08 -3.27
C PHE A 28 -7.39 12.28 -4.51
N PHE A 29 -6.49 11.34 -4.34
CA PHE A 29 -6.03 10.55 -5.50
C PHE A 29 -7.13 9.66 -6.04
N PHE A 30 -7.94 9.12 -5.16
CA PHE A 30 -9.06 8.27 -5.58
C PHE A 30 -10.01 9.09 -6.47
N MET A 31 -10.50 10.17 -5.91
CA MET A 31 -11.48 11.04 -6.59
C MET A 31 -10.92 11.71 -7.85
N SER A 32 -9.64 12.02 -7.83
CA SER A 32 -9.02 12.59 -9.00
C SER A 32 -9.04 11.56 -10.17
N ALA A 33 -8.81 10.30 -9.85
CA ALA A 33 -8.80 9.28 -10.90
C ALA A 33 -10.21 9.05 -11.36
N VAL A 34 -11.16 9.05 -10.42
CA VAL A 34 -12.60 8.89 -10.78
C VAL A 34 -13.05 9.97 -11.75
N GLU A 35 -12.70 11.20 -11.44
CA GLU A 35 -13.09 12.34 -12.30
C GLU A 35 -12.43 12.32 -13.70
N LYS A 36 -11.16 11.96 -13.74
CA LYS A 36 -10.49 11.78 -15.02
C LYS A 36 -11.23 10.76 -15.93
N TYR A 37 -11.46 9.53 -15.42
CA TYR A 37 -12.02 8.49 -16.22
C TYR A 37 -13.48 8.77 -16.55
N GLU A 38 -14.16 9.41 -15.64
CA GLU A 38 -15.54 9.77 -15.92
C GLU A 38 -15.66 10.77 -17.08
N SER A 39 -14.74 11.73 -17.16
CA SER A 39 -14.71 12.72 -18.25
C SER A 39 -14.38 12.06 -19.59
N GLN A 40 -13.80 10.86 -19.56
CA GLN A 40 -13.53 10.07 -20.78
C GLN A 40 -14.68 9.15 -21.12
N GLY A 41 -15.82 9.25 -20.42
CA GLY A 41 -16.92 8.36 -20.72
C GLY A 41 -16.73 6.93 -20.23
N ALA A 42 -15.87 6.71 -19.23
CA ALA A 42 -15.68 5.37 -18.71
C ALA A 42 -16.86 4.98 -17.81
N ASN A 43 -17.24 3.72 -17.83
CA ASN A 43 -18.34 3.30 -16.96
C ASN A 43 -17.87 3.28 -15.47
N LEU A 44 -18.83 3.09 -14.57
CA LEU A 44 -18.58 3.13 -13.16
C LEU A 44 -17.56 2.08 -12.65
N TYR A 45 -17.53 0.90 -13.26
CA TYR A 45 -16.58 -0.08 -12.89
C TYR A 45 -15.15 0.42 -13.14
N VAL A 46 -14.94 0.97 -14.32
CA VAL A 46 -13.65 1.54 -14.70
C VAL A 46 -13.29 2.65 -13.73
N GLN A 47 -14.25 3.51 -13.41
CA GLN A 47 -13.97 4.67 -12.55
C GLN A 47 -13.49 4.17 -11.14
N ILE A 48 -14.20 3.21 -10.59
CA ILE A 48 -13.83 2.63 -9.30
C ILE A 48 -12.47 1.92 -9.38
N ALA A 49 -12.30 1.15 -10.45
CA ALA A 49 -11.09 0.37 -10.64
C ALA A 49 -9.88 1.29 -10.72
N ARG A 50 -10.05 2.37 -11.48
CA ARG A 50 -8.96 3.37 -11.60
C ARG A 50 -8.69 4.18 -10.34
N GLY A 51 -9.73 4.45 -9.61
CA GLY A 51 -9.62 5.14 -8.33
C GLY A 51 -8.85 4.31 -7.34
N CYS A 52 -9.14 3.00 -7.31
CA CYS A 52 -8.40 2.08 -6.46
C CYS A 52 -6.94 1.99 -6.91
N GLY A 53 -6.73 1.89 -8.20
CA GLY A 53 -5.41 1.84 -8.79
C GLY A 53 -4.55 3.04 -8.42
N ALA A 54 -5.10 4.24 -8.54
CA ALA A 54 -4.38 5.48 -8.13
C ALA A 54 -3.98 5.46 -6.64
N THR A 55 -4.88 5.00 -5.75
CA THR A 55 -4.57 4.87 -4.35
C THR A 55 -3.62 3.69 -4.05
N LEU A 56 -3.60 2.68 -4.93
CA LEU A 56 -2.63 1.62 -4.83
C LEU A 56 -1.21 2.13 -5.12
N ASN A 57 -1.03 2.94 -6.14
CA ASN A 57 0.24 3.66 -6.33
C ASN A 57 0.71 4.46 -5.12
N LEU A 58 -0.20 5.22 -4.59
CA LEU A 58 0.10 6.07 -3.42
C LEU A 58 0.55 5.17 -2.23
N ASN A 59 -0.23 4.16 -1.91
CA ASN A 59 0.13 3.27 -0.81
C ASN A 59 1.35 2.43 -1.08
N GLY A 60 1.57 2.11 -2.34
CA GLY A 60 2.79 1.38 -2.76
C GLY A 60 4.05 2.22 -2.53
N ALA A 61 3.93 3.53 -2.68
CA ALA A 61 4.99 4.44 -2.34
C ALA A 61 5.31 4.47 -0.86
N LEU A 62 4.27 4.33 -0.04
CA LEU A 62 4.40 4.44 1.42
C LEU A 62 4.79 3.14 2.14
N ILE A 63 4.33 2.00 1.62
CA ILE A 63 4.41 0.75 2.37
C ILE A 63 5.81 0.41 2.91
N LEU A 64 6.86 0.60 2.12
CA LEU A 64 8.21 0.25 2.55
C LEU A 64 8.84 1.22 3.56
N ILE A 65 8.37 2.45 3.57
CA ILE A 65 9.08 3.52 4.34
C ILE A 65 9.22 3.16 5.82
N PRO A 66 8.12 2.76 6.48
CA PRO A 66 8.25 2.41 7.88
C PRO A 66 9.07 1.17 8.12
N MET A 67 9.42 0.42 7.08
CA MET A 67 10.23 -0.73 7.28
C MET A 67 11.68 -0.48 6.97
N LEU A 68 12.07 0.77 6.74
CA LEU A 68 13.49 1.11 6.60
C LEU A 68 14.03 1.25 8.03
N ARG A 69 14.53 0.14 8.57
CA ARG A 69 14.69 0.00 10.02
C ARG A 69 15.75 0.93 10.59
N HIS A 70 16.85 1.12 9.90
CA HIS A 70 17.84 2.01 10.42
C HIS A 70 17.42 3.44 10.33
N PHE A 71 16.65 3.77 9.32
CA PHE A 71 16.13 5.10 9.19
C PHE A 71 15.10 5.38 10.28
N MET A 72 14.19 4.44 10.54
CA MET A 72 13.23 4.63 11.63
C MET A 72 13.94 4.74 12.99
N THR A 73 14.96 3.92 13.24
CA THR A 73 15.73 3.99 14.49
C THR A 73 16.44 5.34 14.67
N TRP A 74 16.98 5.86 13.58
CA TRP A 74 17.53 7.20 13.61
C TRP A 74 16.46 8.26 13.92
N LEU A 75 15.36 8.21 13.18
CA LEU A 75 14.23 9.16 13.36
C LEU A 75 13.64 9.16 14.81
N ARG A 76 13.61 7.95 15.40
CA ARG A 76 13.08 7.78 16.76
C ARG A 76 13.88 8.64 17.79
N LYS A 77 15.15 8.88 17.47
CA LYS A 77 16.02 9.59 18.33
C LYS A 77 16.08 11.07 18.02
N THR A 78 15.28 11.57 17.06
CA THR A 78 15.24 13.00 16.71
C THR A 78 14.06 13.61 17.43
N THR A 79 13.95 14.91 17.36
CA THR A 79 12.84 15.60 18.01
C THR A 79 11.48 15.31 17.34
N ILE A 80 11.50 14.72 16.14
CA ILE A 80 10.27 14.25 15.48
C ILE A 80 9.51 13.29 16.39
N ASN A 81 10.25 12.45 17.12
CA ASN A 81 9.64 11.51 18.02
C ASN A 81 8.91 12.14 19.22
N ASN A 82 9.17 13.40 19.53
CA ASN A 82 8.34 14.08 20.55
C ASN A 82 6.95 14.44 20.03
N TYR A 83 6.77 14.46 18.71
CA TYR A 83 5.53 14.88 18.06
C TYR A 83 4.71 13.67 17.64
N ILE A 84 5.39 12.71 17.02
CA ILE A 84 4.74 11.54 16.46
C ILE A 84 5.53 10.30 16.87
N PRO A 85 4.84 9.24 17.31
CA PRO A 85 5.58 8.08 17.86
C PRO A 85 6.15 7.16 16.77
N ILE A 86 7.46 7.27 16.51
CA ILE A 86 8.15 6.50 15.49
C ILE A 86 8.14 5.03 15.90
N ASP A 87 8.01 4.73 17.20
CA ASP A 87 7.80 3.34 17.64
C ASP A 87 6.54 2.70 17.01
N GLU A 88 5.58 3.49 16.55
CA GLU A 88 4.41 2.95 15.87
C GLU A 88 4.58 2.80 14.35
N SER A 89 5.82 2.81 13.88
CA SER A 89 6.06 2.70 12.45
C SER A 89 5.48 1.36 11.94
N ILE A 90 5.64 0.29 12.70
CA ILE A 90 5.10 -0.98 12.31
C ILE A 90 3.57 -0.98 12.24
N GLU A 91 2.92 -0.24 13.12
CA GLU A 91 1.46 -0.10 13.12
C GLU A 91 0.99 0.68 11.88
N PHE A 92 1.75 1.69 11.46
CA PHE A 92 1.45 2.35 10.21
C PHE A 92 1.68 1.42 8.99
N HIS A 93 2.78 0.68 8.97
CA HIS A 93 3.01 -0.34 7.95
C HIS A 93 1.79 -1.28 7.78
N LYS A 94 1.33 -1.85 8.90
CA LYS A 94 0.16 -2.73 8.94
C LYS A 94 -1.09 -2.04 8.43
N LEU A 95 -1.29 -0.82 8.85
CA LEU A 95 -2.42 -0.06 8.32
C LEU A 95 -2.35 0.12 6.81
N VAL A 96 -1.18 0.51 6.28
CA VAL A 96 -1.05 0.74 4.86
C VAL A 96 -1.30 -0.58 4.13
N GLY A 97 -0.75 -1.69 4.68
CA GLY A 97 -0.98 -3.02 4.08
C GLY A 97 -2.43 -3.51 4.04
N GLN A 98 -3.21 -3.24 5.10
CA GLN A 98 -4.62 -3.56 5.14
C GLN A 98 -5.44 -2.69 4.18
N VAL A 99 -5.12 -1.41 4.10
CA VAL A 99 -5.76 -0.52 3.19
C VAL A 99 -5.53 -0.96 1.74
N MET A 100 -4.29 -1.33 1.46
CA MET A 100 -3.93 -1.76 0.13
C MET A 100 -4.63 -3.05 -0.22
N PHE A 101 -4.78 -3.97 0.74
CA PHE A 101 -5.43 -5.24 0.45
C PHE A 101 -6.92 -4.99 0.13
N ALA A 102 -7.60 -4.11 0.88
CA ALA A 102 -8.97 -3.75 0.60
C ALA A 102 -9.10 -3.13 -0.78
N LEU A 103 -8.22 -2.17 -1.08
CA LEU A 103 -8.21 -1.52 -2.37
C LEU A 103 -7.91 -2.49 -3.52
N ALA A 104 -6.99 -3.41 -3.31
CA ALA A 104 -6.69 -4.45 -4.31
C ALA A 104 -7.88 -5.36 -4.62
N ILE A 105 -8.63 -5.74 -3.58
CA ILE A 105 -9.84 -6.54 -3.74
C ILE A 105 -10.88 -5.77 -4.56
N VAL A 106 -11.14 -4.53 -4.17
CA VAL A 106 -12.11 -3.69 -4.89
C VAL A 106 -11.67 -3.47 -6.35
N HIS A 107 -10.39 -3.16 -6.56
CA HIS A 107 -9.81 -2.95 -7.90
C HIS A 107 -10.01 -4.19 -8.75
N THR A 108 -9.69 -5.34 -8.18
CA THR A 108 -9.89 -6.60 -8.87
C THR A 108 -11.38 -6.87 -9.25
N GLY A 109 -12.28 -6.74 -8.29
CA GLY A 109 -13.70 -6.92 -8.52
C GLY A 109 -14.24 -5.97 -9.58
N ALA A 110 -13.80 -4.70 -9.50
CA ALA A 110 -14.25 -3.69 -10.47
C ALA A 110 -13.73 -3.99 -11.86
N HIS A 111 -12.48 -4.36 -11.98
CA HIS A 111 -12.00 -4.83 -13.27
C HIS A 111 -12.72 -6.09 -13.79
N PHE A 112 -13.08 -7.05 -12.89
CA PHE A 112 -13.81 -8.22 -13.33
C PHE A 112 -15.16 -7.80 -13.86
N LEU A 113 -15.84 -6.89 -13.16
CA LEU A 113 -17.15 -6.37 -13.60
C LEU A 113 -16.97 -5.66 -14.95
N ASN A 114 -15.92 -4.85 -15.08
CA ASN A 114 -15.70 -4.20 -16.36
C ASN A 114 -15.46 -5.20 -17.53
N TYR A 115 -14.78 -6.30 -17.25
CA TYR A 115 -14.59 -7.36 -18.25
C TYR A 115 -15.91 -7.91 -18.80
N THR A 116 -16.95 -7.99 -17.96
CA THR A 116 -18.27 -8.41 -18.45
C THR A 116 -18.97 -7.41 -19.39
N THR A 117 -18.56 -6.14 -19.38
CA THR A 117 -19.11 -5.13 -20.26
C THR A 117 -18.41 -5.04 -21.63
N LEU A 118 -17.42 -5.90 -21.88
CA LEU A 118 -16.64 -5.83 -23.11
C LEU A 118 -17.19 -6.92 -24.04
N PRO A 119 -17.15 -6.68 -25.37
CA PRO A 119 -17.54 -7.73 -26.34
C PRO A 119 -16.35 -8.66 -26.57
N ILE A 120 -15.85 -9.29 -25.50
CA ILE A 120 -14.64 -10.14 -25.51
C ILE A 120 -14.90 -11.14 -24.37
N PRO A 121 -14.52 -12.42 -24.52
CA PRO A 121 -14.82 -13.33 -23.43
C PRO A 121 -13.97 -13.02 -22.20
N PHE A 122 -14.56 -13.25 -21.04
CA PHE A 122 -13.95 -12.99 -19.75
C PHE A 122 -12.57 -13.60 -19.64
N ALA A 123 -12.46 -14.88 -20.00
CA ALA A 123 -11.16 -15.56 -19.95
C ALA A 123 -10.10 -14.91 -20.86
N GLN A 124 -10.51 -14.33 -21.98
CA GLN A 124 -9.53 -13.63 -22.85
C GLN A 124 -9.09 -12.28 -22.22
N SER A 125 -9.97 -11.60 -21.50
CA SER A 125 -9.60 -10.35 -20.82
C SER A 125 -8.67 -10.70 -19.66
N LEU A 126 -9.03 -11.69 -18.86
CA LEU A 126 -8.23 -12.01 -17.67
C LEU A 126 -6.92 -12.72 -17.98
N PHE A 127 -6.93 -13.74 -18.87
CA PHE A 127 -5.69 -14.50 -19.10
C PHE A 127 -5.04 -14.27 -20.47
N GLY A 128 -5.61 -13.39 -21.28
CA GLY A 128 -5.08 -13.02 -22.60
C GLY A 128 -4.67 -11.57 -22.76
N THR A 129 -4.65 -10.79 -21.68
CA THR A 129 -4.09 -9.39 -21.72
C THR A 129 -2.92 -9.29 -20.74
N LYS A 130 -1.99 -8.33 -20.98
CA LYS A 130 -0.85 -8.14 -20.14
C LYS A 130 -1.28 -7.78 -18.76
N ALA A 131 -2.30 -6.93 -18.68
CA ALA A 131 -2.77 -6.42 -17.42
C ALA A 131 -3.47 -7.48 -16.60
N GLY A 132 -4.21 -8.36 -17.27
CA GLY A 132 -4.91 -9.46 -16.64
C GLY A 132 -3.97 -10.47 -16.03
N ILE A 133 -2.96 -10.85 -16.78
CA ILE A 133 -2.02 -11.84 -16.35
C ILE A 133 -1.17 -11.33 -15.18
N SER A 134 -0.55 -10.16 -15.37
CA SER A 134 0.28 -9.55 -14.34
C SER A 134 -0.53 -9.21 -13.08
N GLY A 135 -1.76 -8.74 -13.24
CA GLY A 135 -2.65 -8.43 -12.15
C GLY A 135 -3.05 -9.64 -11.30
N PHE A 136 -3.37 -10.73 -11.98
CA PHE A 136 -3.73 -11.96 -11.33
C PHE A 136 -2.55 -12.48 -10.49
N LEU A 137 -1.37 -12.46 -11.06
CA LEU A 137 -0.20 -12.88 -10.35
C LEU A 137 0.11 -11.98 -9.15
N LEU A 138 0.01 -10.67 -9.36
CA LEU A 138 0.21 -9.72 -8.32
C LEU A 138 -0.82 -9.94 -7.19
N LEU A 139 -2.06 -10.25 -7.56
CA LEU A 139 -3.09 -10.49 -6.60
C LEU A 139 -2.75 -11.72 -5.73
N LEU A 140 -2.33 -12.82 -6.37
CA LEU A 140 -1.95 -14.04 -5.67
C LEU A 140 -0.81 -13.79 -4.69
N VAL A 141 0.23 -13.09 -5.14
CA VAL A 141 1.33 -12.74 -4.26
C VAL A 141 0.83 -11.99 -3.03
N PHE A 142 0.02 -11.00 -3.29
CA PHE A 142 -0.50 -10.17 -2.26
C PHE A 142 -1.40 -10.98 -1.29
N ILE A 143 -2.24 -11.86 -1.81
CA ILE A 143 -3.07 -12.69 -0.93
C ILE A 143 -2.18 -13.53 0.02
N ILE A 144 -1.13 -14.11 -0.56
CA ILE A 144 -0.20 -14.95 0.24
C ILE A 144 0.49 -14.16 1.36
N MET A 145 1.02 -13.00 1.01
CA MET A 145 1.62 -12.11 2.00
C MET A 145 0.59 -11.67 3.04
N TRP A 146 -0.57 -11.24 2.59
CA TRP A 146 -1.59 -10.74 3.50
C TRP A 146 -2.06 -11.82 4.52
N VAL A 147 -2.41 -12.98 4.02
CA VAL A 147 -2.93 -14.05 4.87
C VAL A 147 -1.88 -14.40 5.94
N THR A 148 -0.63 -14.54 5.53
CA THR A 148 0.37 -15.07 6.45
C THR A 148 0.83 -13.95 7.42
N ALA A 149 0.57 -12.68 7.08
CA ALA A 149 0.96 -11.58 7.92
C ALA A 149 -0.07 -11.36 9.01
N GLN A 150 -1.28 -11.95 8.92
CA GLN A 150 -2.27 -11.76 9.97
C GLN A 150 -1.78 -12.40 11.25
N ALA A 151 -2.18 -11.81 12.36
CA ALA A 151 -1.66 -12.18 13.64
C ALA A 151 -1.85 -13.66 14.02
N PRO A 152 -3.00 -14.29 13.67
CA PRO A 152 -3.13 -15.74 14.02
C PRO A 152 -2.01 -16.61 13.44
N ILE A 153 -1.44 -16.19 12.31
CA ILE A 153 -0.36 -16.93 11.71
C ILE A 153 0.96 -16.38 12.17
N ARG A 154 1.18 -15.08 11.94
CA ARG A 154 2.45 -14.48 12.25
C ARG A 154 2.81 -14.61 13.74
N LYS A 155 1.84 -14.37 14.60
CA LYS A 155 2.07 -14.42 16.08
C LYS A 155 1.59 -15.73 16.75
N GLY A 156 1.01 -16.62 15.98
CA GLY A 156 0.46 -17.84 16.55
C GLY A 156 1.29 -19.07 16.31
N GLY A 157 2.56 -18.89 15.98
CA GLY A 157 3.48 -20.02 15.92
C GLY A 157 3.91 -20.30 14.50
N LYS A 158 3.51 -19.51 13.51
CA LYS A 158 4.01 -19.74 12.17
C LYS A 158 4.78 -18.53 11.69
N PHE A 159 5.68 -18.03 12.54
CA PHE A 159 6.48 -16.87 12.17
C PHE A 159 7.33 -17.14 10.91
N ALA A 160 7.85 -18.34 10.80
CA ALA A 160 8.72 -18.68 9.71
C ALA A 160 7.95 -18.64 8.40
N LEU A 161 6.69 -19.09 8.43
CA LEU A 161 5.87 -19.06 7.25
C LEU A 161 5.61 -17.58 6.84
N PHE A 162 5.21 -16.78 7.81
CA PHE A 162 5.10 -15.36 7.58
C PHE A 162 6.38 -14.79 6.95
N TYR A 163 7.54 -15.07 7.52
CA TYR A 163 8.74 -14.37 7.16
C TYR A 163 9.17 -14.71 5.73
N ILE A 164 9.12 -15.97 5.38
CA ILE A 164 9.47 -16.41 4.04
C ILE A 164 8.46 -15.91 3.04
N ALA A 165 7.16 -15.99 3.32
CA ALA A 165 6.17 -15.43 2.41
C ALA A 165 6.34 -13.91 2.22
N HIS A 166 6.78 -13.21 3.26
CA HIS A 166 6.91 -11.79 3.23
C HIS A 166 8.07 -11.38 2.41
N MET A 167 9.02 -12.27 2.20
CA MET A 167 10.12 -11.99 1.24
C MET A 167 9.56 -11.85 -0.20
N GLY A 168 8.30 -12.26 -0.42
CA GLY A 168 7.58 -11.90 -1.59
C GLY A 168 7.44 -10.41 -1.87
N TYR A 169 7.72 -9.50 -0.91
CA TYR A 169 7.61 -8.09 -1.19
C TYR A 169 8.44 -7.72 -2.45
N VAL A 170 9.53 -8.44 -2.69
CA VAL A 170 10.42 -8.19 -3.85
C VAL A 170 9.70 -8.52 -5.13
N LEU A 171 9.01 -9.64 -5.10
CA LEU A 171 8.19 -10.05 -6.22
C LEU A 171 6.94 -9.14 -6.41
N TRP A 172 6.39 -8.69 -5.30
CA TRP A 172 5.31 -7.74 -5.31
C TRP A 172 5.71 -6.46 -6.06
N PHE A 173 6.85 -5.91 -5.72
CA PHE A 173 7.30 -4.70 -6.34
C PHE A 173 7.62 -4.90 -7.83
N ALA A 174 8.18 -6.03 -8.18
CA ALA A 174 8.52 -6.32 -9.58
C ALA A 174 7.25 -6.34 -10.40
N LEU A 175 6.26 -7.01 -9.88
CA LEU A 175 4.99 -7.20 -10.60
C LEU A 175 4.21 -5.92 -10.71
N ALA A 176 4.19 -5.12 -9.67
CA ALA A 176 3.54 -3.82 -9.67
C ALA A 176 4.16 -2.95 -10.73
N LEU A 177 5.48 -2.93 -10.83
CA LEU A 177 6.15 -2.16 -11.91
C LEU A 177 5.83 -2.66 -13.31
N ILE A 178 5.64 -3.95 -13.49
CA ILE A 178 5.24 -4.56 -14.75
C ILE A 178 3.75 -4.33 -15.06
N HIS A 179 2.92 -4.32 -14.01
CA HIS A 179 1.46 -4.30 -14.11
C HIS A 179 0.91 -2.89 -14.38
N GLY A 180 1.39 -1.90 -13.62
CA GLY A 180 1.04 -0.48 -13.80
C GLY A 180 2.09 0.14 -14.73
N PRO A 181 1.90 0.08 -16.05
CA PRO A 181 3.08 0.26 -16.92
C PRO A 181 3.42 1.74 -17.17
N VAL A 182 2.41 2.62 -17.30
CA VAL A 182 2.64 4.04 -17.61
C VAL A 182 3.22 4.85 -16.39
N PHE A 183 2.65 4.72 -15.18
CA PHE A 183 3.04 5.57 -14.05
C PHE A 183 3.93 4.81 -13.05
N TRP A 184 5.25 4.84 -13.28
CA TRP A 184 6.34 4.18 -12.43
C TRP A 184 6.94 5.16 -11.40
N GLN A 185 6.49 6.41 -11.42
CA GLN A 185 7.08 7.43 -10.60
C GLN A 185 6.87 7.29 -9.09
N TRP A 186 5.78 6.64 -8.71
CA TRP A 186 5.51 6.29 -7.32
C TRP A 186 6.74 5.69 -6.60
N VAL A 187 7.57 4.91 -7.28
CA VAL A 187 8.66 4.19 -6.60
C VAL A 187 9.81 5.17 -6.19
N LEU A 188 9.79 6.41 -6.64
CA LEU A 188 10.81 7.37 -6.26
C LEU A 188 10.84 7.63 -4.77
N LEU A 189 9.67 7.61 -4.11
CA LEU A 189 9.63 7.81 -2.68
C LEU A 189 10.43 6.72 -1.94
N PRO A 190 10.09 5.41 -2.13
CA PRO A 190 10.91 4.35 -1.51
C PRO A 190 12.38 4.33 -1.99
N VAL A 191 12.62 4.65 -3.26
CA VAL A 191 14.00 4.72 -3.71
C VAL A 191 14.77 5.77 -2.87
N VAL A 192 14.21 6.95 -2.69
CA VAL A 192 14.85 7.92 -1.83
C VAL A 192 15.02 7.41 -0.39
N GLY A 193 13.97 6.81 0.15
CA GLY A 193 14.04 6.21 1.47
C GLY A 193 15.19 5.22 1.59
N PHE A 194 15.35 4.35 0.59
CA PHE A 194 16.35 3.33 0.58
C PHE A 194 17.80 3.89 0.47
N ILE A 195 17.98 4.98 -0.27
CA ILE A 195 19.24 5.68 -0.30
C ILE A 195 19.57 6.24 1.11
N ILE A 196 18.59 6.83 1.79
CA ILE A 196 18.81 7.32 3.15
C ILE A 196 19.20 6.17 4.09
N GLU A 197 18.54 5.03 3.93
CA GLU A 197 18.84 3.86 4.75
C GLU A 197 20.29 3.36 4.53
N LEU A 198 20.71 3.32 3.27
CA LEU A 198 22.07 2.94 2.93
C LEU A 198 23.13 3.92 3.52
N VAL A 199 22.85 5.21 3.45
CA VAL A 199 23.73 6.21 4.00
C VAL A 199 23.86 5.99 5.51
N ILE A 200 22.74 5.72 6.17
CA ILE A 200 22.71 5.48 7.59
C ILE A 200 23.44 4.19 7.93
N ARG A 201 23.26 3.14 7.16
CA ARG A 201 23.96 1.90 7.43
C ARG A 201 25.47 2.13 7.24
N TRP A 202 25.82 2.83 6.16
CA TRP A 202 27.23 3.13 5.91
C TRP A 202 27.89 3.89 7.08
N LYS A 203 27.23 4.95 7.54
CA LYS A 203 27.72 5.77 8.66
C LYS A 203 27.97 4.99 9.93
N ALA A 204 27.09 4.04 10.22
CA ALA A 204 27.24 3.17 11.38
C ALA A 204 28.21 2.03 11.17
N ALA A 205 28.62 1.74 9.93
CA ALA A 205 29.43 0.58 9.64
C ALA A 205 30.90 0.88 10.01
N GLU A 206 31.70 -0.16 10.06
CA GLU A 206 33.13 -0.07 10.39
C GLU A 206 34.01 0.41 9.19
#